data_3HL3
#
_entry.id   3HL3
#
_cell.length_a   134.425
_cell.length_b   134.425
_cell.length_c   85.274
_cell.angle_alpha   90.00
_cell.angle_beta   90.00
_cell.angle_gamma   120.00
#
_symmetry.space_group_name_H-M   'P 6 2 2'
#
loop_
_entity.id
_entity.type
_entity.pdbx_description
1 polymer 'Glucose-1-phosphate thymidylyltransferase'
2 branched beta-D-fructofuranose-(2-1)-alpha-D-glucopyranose
3 water water
#
_entity_poly.entity_id   1
_entity_poly.type   'polypeptide(L)'
_entity_poly.pdbx_seq_one_letter_code
;MHHHHHHSSGVDLGTENLYFQSNAMKGIILAGGTGSRLYPITKVTNKHLLPVGRYPMIYHAVYKLKQCDITDIMIITGKE
HMGDVVSFLGSGQEFGVSFTYRVQDKAGGIAQALGLCEDFVGNDRMVVILGDNIFSDDIRPYVEEFTNQKEGAKVLLQSV
DDPERFGVANIQNRKIIEIEEKPKEPKSSYAVTGIYLYDSKVFSYIKELKPSARGELEITDINNWYLKRGVLTYNEMSGW
WTDAGTHVSLQRANALARDINFGKQFNGE
;
_entity_poly.pdbx_strand_id   A
#
# COMPACT_ATOMS: atom_id res chain seq x y z
N ALA A 24 15.37 8.54 9.36
CA ALA A 24 15.15 7.28 8.58
C ALA A 24 13.72 7.18 8.03
N MET A 25 13.53 6.18 7.18
CA MET A 25 12.28 5.95 6.48
C MET A 25 11.74 4.56 6.85
N LYS A 26 10.51 4.49 7.34
CA LYS A 26 9.92 3.22 7.74
C LYS A 26 9.01 2.68 6.66
N GLY A 27 8.88 1.37 6.61
CA GLY A 27 8.01 0.70 5.67
C GLY A 27 6.82 0.07 6.38
N ILE A 28 5.63 0.17 5.77
CA ILE A 28 4.40 -0.41 6.32
C ILE A 28 3.63 -1.10 5.22
N ILE A 29 3.30 -2.37 5.43
CA ILE A 29 2.51 -3.13 4.46
C ILE A 29 1.18 -3.48 5.10
N LEU A 30 0.08 -3.01 4.52
CA LEU A 30 -1.23 -3.33 5.02
C LEU A 30 -1.72 -4.59 4.32
N ALA A 31 -1.71 -5.73 5.03
CA ALA A 31 -2.13 -7.01 4.47
C ALA A 31 -3.35 -7.59 5.15
N GLY A 32 -4.24 -6.74 5.62
CA GLY A 32 -5.46 -7.19 6.28
C GLY A 32 -6.54 -7.42 5.23
N GLY A 33 -7.79 -7.39 5.65
CA GLY A 33 -8.90 -7.56 4.71
C GLY A 33 -9.53 -8.95 4.72
N THR A 34 -10.79 -9.01 4.29
CA THR A 34 -11.53 -10.27 4.26
C THR A 34 -11.18 -11.13 3.05
N GLY A 35 -10.89 -10.47 1.91
CA GLY A 35 -10.57 -11.19 0.68
C GLY A 35 -11.78 -11.88 0.06
N SER A 36 -12.96 -11.51 0.53
CA SER A 36 -14.22 -12.10 0.07
C SER A 36 -14.43 -12.04 -1.43
N ARG A 37 -14.02 -10.94 -2.04
CA ARG A 37 -14.06 -10.79 -3.49
C ARG A 37 -13.49 -12.02 -4.18
N LEU A 38 -12.52 -12.66 -3.53
CA LEU A 38 -11.86 -13.84 -4.07
C LEU A 38 -12.32 -15.24 -3.58
N TYR A 39 -13.36 -15.29 -2.76
N TYR A 39 -13.37 -15.30 -2.74
CA TYR A 39 -13.88 -16.58 -2.25
CA TYR A 39 -13.87 -16.60 -2.27
C TYR A 39 -14.21 -17.47 -3.46
C TYR A 39 -14.19 -17.47 -3.47
N PRO A 40 -14.02 -18.80 -3.34
CA PRO A 40 -13.54 -19.58 -2.20
C PRO A 40 -12.03 -19.75 -2.10
N ILE A 41 -11.28 -19.21 -3.05
CA ILE A 41 -9.83 -19.33 -3.01
C ILE A 41 -9.26 -18.80 -1.71
N THR A 42 -9.92 -17.79 -1.14
CA THR A 42 -9.47 -17.16 0.10
C THR A 42 -10.29 -17.63 1.29
N LYS A 43 -10.87 -18.82 1.17
CA LYS A 43 -11.69 -19.41 2.23
C LYS A 43 -10.78 -19.71 3.42
N VAL A 44 -9.58 -20.18 3.10
CA VAL A 44 -8.57 -20.56 4.09
C VAL A 44 -7.32 -19.71 3.97
N THR A 45 -6.85 -19.51 2.74
CA THR A 45 -5.63 -18.73 2.50
C THR A 45 -5.86 -17.22 2.49
N ASN A 46 -4.91 -16.48 3.04
CA ASN A 46 -4.97 -15.02 3.00
C ASN A 46 -4.62 -14.57 1.59
N LYS A 47 -5.37 -13.61 1.08
CA LYS A 47 -5.16 -13.07 -0.25
C LYS A 47 -3.70 -12.77 -0.57
N HIS A 48 -3.01 -12.19 0.39
CA HIS A 48 -1.63 -11.75 0.18
C HIS A 48 -0.58 -12.87 0.15
N LEU A 49 -1.02 -14.11 0.29
CA LEU A 49 -0.12 -15.25 0.17
C LEU A 49 -0.41 -16.00 -1.13
N LEU A 50 -1.37 -15.51 -1.90
CA LEU A 50 -1.67 -16.13 -3.19
C LEU A 50 -0.57 -15.82 -4.20
N PRO A 51 -0.34 -16.71 -5.13
CA PRO A 51 0.71 -16.46 -6.11
C PRO A 51 0.47 -15.26 -7.03
N VAL A 52 1.54 -14.54 -7.30
CA VAL A 52 1.57 -13.43 -8.25
C VAL A 52 2.94 -13.60 -8.89
N GLY A 53 2.96 -14.31 -10.01
CA GLY A 53 4.22 -14.63 -10.64
C GLY A 53 4.77 -15.83 -9.88
N ARG A 54 6.08 -15.91 -9.74
N ARG A 54 6.09 -15.93 -9.75
CA ARG A 54 6.71 -17.01 -9.03
CA ARG A 54 6.70 -17.05 -9.03
C ARG A 54 6.82 -16.77 -7.51
C ARG A 54 6.80 -16.78 -7.51
N TYR A 55 6.12 -15.76 -7.02
CA TYR A 55 6.18 -15.39 -5.57
C TYR A 55 4.81 -15.11 -4.95
N PRO A 56 4.69 -15.28 -3.62
CA PRO A 56 3.44 -14.93 -2.95
C PRO A 56 3.22 -13.44 -3.10
N MET A 57 1.98 -13.02 -3.25
CA MET A 57 1.67 -11.62 -3.47
C MET A 57 2.51 -10.67 -2.60
N ILE A 58 2.50 -10.90 -1.30
CA ILE A 58 3.19 -10.02 -0.35
C ILE A 58 4.69 -9.82 -0.61
N TYR A 59 5.36 -10.81 -1.18
CA TYR A 59 6.81 -10.69 -1.46
C TYR A 59 7.09 -9.44 -2.24
N HIS A 60 6.23 -9.16 -3.20
CA HIS A 60 6.40 -8.00 -4.06
C HIS A 60 6.54 -6.71 -3.28
N ALA A 61 5.66 -6.52 -2.30
CA ALA A 61 5.69 -5.32 -1.47
C ALA A 61 6.99 -5.28 -0.69
N VAL A 62 7.43 -6.43 -0.20
CA VAL A 62 8.67 -6.49 0.58
C VAL A 62 9.87 -6.16 -0.29
N TYR A 63 9.84 -6.58 -1.55
CA TYR A 63 10.93 -6.31 -2.45
C TYR A 63 11.04 -4.82 -2.78
N LYS A 64 9.90 -4.17 -3.01
CA LYS A 64 9.90 -2.74 -3.35
C LYS A 64 10.54 -1.90 -2.25
N LEU A 65 10.23 -2.26 -1.01
CA LEU A 65 10.76 -1.55 0.14
C LEU A 65 12.26 -1.84 0.28
N LYS A 66 12.62 -3.11 0.17
CA LYS A 66 14.03 -3.46 0.26
C LYS A 66 14.88 -2.69 -0.76
N GLN A 67 14.42 -2.61 -2.00
N GLN A 67 14.51 -2.73 -2.05
CA GLN A 67 15.16 -1.86 -3.02
CA GLN A 67 15.29 -2.02 -3.11
C GLN A 67 15.27 -0.36 -2.67
C GLN A 67 15.62 -0.59 -2.75
N CYS A 68 14.47 0.14 -1.72
N CYS A 68 14.74 0.01 -1.96
CA CYS A 68 14.60 1.53 -1.28
CA CYS A 68 14.90 1.41 -1.56
C CYS A 68 15.50 1.64 -0.05
C CYS A 68 15.57 1.60 -0.19
N ASP A 69 16.16 0.54 0.35
CA ASP A 69 16.91 0.56 1.61
C ASP A 69 16.02 0.86 2.82
N ILE A 70 14.76 0.45 2.72
CA ILE A 70 13.80 0.55 3.81
C ILE A 70 13.72 -0.86 4.36
N THR A 71 14.48 -1.11 5.41
CA THR A 71 14.55 -2.44 6.00
C THR A 71 13.73 -2.65 7.29
N ASP A 72 13.23 -1.56 7.89
CA ASP A 72 12.38 -1.66 9.08
C ASP A 72 10.95 -1.59 8.61
N ILE A 73 10.32 -2.77 8.56
CA ILE A 73 8.98 -2.89 8.02
C ILE A 73 7.97 -3.47 8.99
N MET A 74 6.78 -2.90 8.99
CA MET A 74 5.72 -3.40 9.84
C MET A 74 4.67 -4.03 8.96
N ILE A 75 4.23 -5.22 9.36
CA ILE A 75 3.22 -5.94 8.61
C ILE A 75 1.96 -5.97 9.46
N ILE A 76 0.85 -5.54 8.88
CA ILE A 76 -0.44 -5.55 9.55
C ILE A 76 -1.31 -6.57 8.85
N THR A 77 -1.92 -7.47 9.61
CA THR A 77 -2.80 -8.44 9.00
C THR A 77 -3.78 -8.92 10.01
N GLY A 78 -4.74 -9.72 9.56
CA GLY A 78 -5.76 -10.27 10.43
C GLY A 78 -5.21 -11.31 11.39
N LYS A 79 -5.96 -11.53 12.45
CA LYS A 79 -5.64 -12.48 13.49
C LYS A 79 -5.54 -13.91 12.95
N GLU A 80 -6.52 -14.30 12.13
CA GLU A 80 -6.59 -15.65 11.57
C GLU A 80 -5.48 -15.99 10.61
N HIS A 81 -4.97 -14.98 9.91
CA HIS A 81 -3.96 -15.22 8.88
C HIS A 81 -2.51 -14.91 9.28
N MET A 82 -2.30 -14.42 10.48
CA MET A 82 -0.95 -14.06 10.90
C MET A 82 0.02 -15.24 10.87
N GLY A 83 -0.47 -16.43 11.19
CA GLY A 83 0.38 -17.60 11.21
C GLY A 83 1.00 -17.91 9.87
N ASP A 84 0.19 -17.85 8.83
CA ASP A 84 0.67 -18.13 7.50
C ASP A 84 1.58 -17.02 6.99
N VAL A 85 1.23 -15.77 7.30
CA VAL A 85 2.06 -14.65 6.88
C VAL A 85 3.42 -14.74 7.52
N VAL A 86 3.45 -14.95 8.84
CA VAL A 86 4.72 -15.08 9.57
C VAL A 86 5.51 -16.28 9.09
N SER A 87 4.85 -17.42 8.87
CA SER A 87 5.54 -18.57 8.33
C SER A 87 6.32 -18.22 7.08
N PHE A 88 5.74 -17.39 6.20
CA PHE A 88 6.45 -16.96 4.99
C PHE A 88 7.52 -15.92 5.27
N LEU A 89 7.15 -14.84 5.95
CA LEU A 89 8.06 -13.72 6.15
C LEU A 89 9.09 -13.87 7.26
N GLY A 90 8.73 -14.55 8.33
CA GLY A 90 9.66 -14.73 9.44
C GLY A 90 10.10 -13.39 10.02
N SER A 91 11.35 -13.32 10.47
CA SER A 91 11.87 -12.10 11.07
C SER A 91 12.38 -11.14 10.02
N GLY A 92 12.56 -11.64 8.79
CA GLY A 92 13.08 -10.85 7.70
C GLY A 92 14.55 -11.17 7.42
N GLN A 93 15.22 -11.87 8.33
CA GLN A 93 16.62 -12.23 8.12
C GLN A 93 16.90 -12.70 6.71
N GLU A 94 16.11 -13.66 6.23
CA GLU A 94 16.31 -14.24 4.91
C GLU A 94 16.12 -13.26 3.75
N PHE A 95 15.54 -12.10 3.97
CA PHE A 95 15.34 -11.13 2.89
C PHE A 95 16.16 -9.87 3.08
N GLY A 96 17.01 -9.85 4.10
CA GLY A 96 17.81 -8.67 4.39
C GLY A 96 16.97 -7.52 4.95
N VAL A 97 15.87 -7.84 5.61
CA VAL A 97 14.99 -6.83 6.19
C VAL A 97 14.65 -7.21 7.61
N SER A 98 13.75 -6.45 8.21
CA SER A 98 13.40 -6.66 9.59
C SER A 98 11.90 -6.36 9.80
N PHE A 99 11.13 -7.37 10.23
CA PHE A 99 9.69 -7.22 10.40
C PHE A 99 9.18 -7.13 11.84
N THR A 100 8.10 -6.38 11.99
CA THR A 100 7.39 -6.29 13.26
C THR A 100 5.92 -6.50 12.84
N TYR A 101 5.12 -7.19 13.65
CA TYR A 101 3.73 -7.46 13.27
C TYR A 101 2.72 -6.95 14.29
N ARG A 102 1.57 -6.49 13.81
CA ARG A 102 0.45 -6.08 14.68
C ARG A 102 -0.81 -6.69 14.06
N VAL A 103 -1.79 -6.98 14.89
CA VAL A 103 -3.03 -7.56 14.44
C VAL A 103 -4.10 -6.48 14.24
N GLN A 104 -4.81 -6.60 13.14
CA GLN A 104 -5.92 -5.72 12.82
C GLN A 104 -7.19 -6.43 13.23
N ASP A 105 -8.10 -5.72 13.88
CA ASP A 105 -9.34 -6.34 14.34
C ASP A 105 -10.41 -6.35 13.26
N LYS A 106 -11.54 -6.96 13.59
CA LYS A 106 -12.70 -7.06 12.71
C LYS A 106 -13.09 -5.69 12.10
N ALA A 107 -13.41 -4.73 12.98
CA ALA A 107 -13.86 -3.39 12.59
C ALA A 107 -12.80 -2.49 11.96
N GLY A 108 -13.26 -1.48 11.22
CA GLY A 108 -12.37 -0.54 10.55
C GLY A 108 -11.67 -1.17 9.36
N GLY A 109 -11.02 -0.34 8.55
CA GLY A 109 -10.30 -0.84 7.39
C GLY A 109 -8.94 -0.22 7.26
N ILE A 110 -8.52 -0.07 6.00
CA ILE A 110 -7.22 0.50 5.61
C ILE A 110 -6.72 1.74 6.43
N ALA A 111 -7.62 2.65 6.82
CA ALA A 111 -7.23 3.85 7.58
C ALA A 111 -6.95 3.53 9.06
N GLN A 112 -7.83 2.76 9.70
CA GLN A 112 -7.64 2.34 11.10
C GLN A 112 -6.40 1.45 11.28
N ALA A 113 -6.09 0.66 10.26
CA ALA A 113 -4.92 -0.21 10.30
C ALA A 113 -3.66 0.61 10.41
N LEU A 114 -3.63 1.74 9.71
CA LEU A 114 -2.46 2.63 9.73
C LEU A 114 -2.22 3.16 11.15
N GLY A 115 -3.30 3.46 11.88
CA GLY A 115 -3.17 3.95 13.26
C GLY A 115 -2.31 3.04 14.14
N LEU A 116 -2.40 1.73 13.92
CA LEU A 116 -1.62 0.74 14.67
C LEU A 116 -0.09 0.93 14.54
N CYS A 117 0.36 1.75 13.61
CA CYS A 117 1.79 1.94 13.40
C CYS A 117 2.37 3.19 14.05
N GLU A 118 1.54 3.95 14.74
CA GLU A 118 1.97 5.19 15.33
C GLU A 118 3.31 5.08 16.08
N ASP A 119 3.40 4.13 17.01
CA ASP A 119 4.62 3.98 17.80
C ASP A 119 5.78 3.43 17.00
N PHE A 120 5.47 2.48 16.13
CA PHE A 120 6.51 1.91 15.27
C PHE A 120 7.21 3.01 14.48
N VAL A 121 6.45 3.92 13.90
CA VAL A 121 7.05 4.99 13.11
C VAL A 121 7.72 6.06 13.98
N GLY A 122 7.03 6.54 14.99
CA GLY A 122 7.59 7.58 15.86
C GLY A 122 7.67 8.89 15.10
N ASN A 123 8.86 9.48 15.05
CA ASN A 123 9.08 10.77 14.35
C ASN A 123 9.62 10.63 12.94
N ASP A 124 9.62 9.42 12.42
CA ASP A 124 10.15 9.17 11.09
C ASP A 124 9.08 9.37 10.02
N ARG A 125 9.44 9.01 8.79
CA ARG A 125 8.52 9.08 7.67
C ARG A 125 8.17 7.67 7.21
N MET A 126 7.11 7.58 6.40
CA MET A 126 6.55 6.30 5.96
C MET A 126 6.32 6.10 4.50
N VAL A 127 6.42 4.84 4.10
CA VAL A 127 5.99 4.39 2.80
C VAL A 127 5.02 3.27 3.12
N VAL A 128 3.74 3.50 2.81
CA VAL A 128 2.70 2.52 3.07
C VAL A 128 2.30 1.87 1.76
N ILE A 129 2.36 0.54 1.71
CA ILE A 129 1.97 -0.20 0.51
C ILE A 129 0.84 -1.16 0.83
N LEU A 130 -0.30 -0.97 0.19
CA LEU A 130 -1.40 -1.91 0.35
C LEU A 130 -0.90 -3.22 -0.29
N GLY A 131 -0.99 -4.31 0.45
CA GLY A 131 -0.48 -5.59 -0.01
C GLY A 131 -0.87 -6.11 -1.37
N ASP A 132 -2.03 -5.75 -1.87
CA ASP A 132 -2.48 -6.29 -3.16
C ASP A 132 -2.18 -5.37 -4.35
N ASN A 133 -1.39 -4.31 -4.13
CA ASN A 133 -0.96 -3.40 -5.20
C ASN A 133 0.40 -3.82 -5.80
N ILE A 134 0.35 -4.37 -7.00
CA ILE A 134 1.53 -4.87 -7.71
C ILE A 134 1.88 -3.89 -8.83
N PHE A 135 3.16 -3.55 -8.95
CA PHE A 135 3.59 -2.58 -9.95
C PHE A 135 5.08 -2.73 -10.36
N SER A 136 5.41 -2.21 -11.53
N SER A 136 5.42 -2.21 -11.54
CA SER A 136 6.77 -2.30 -12.10
CA SER A 136 6.78 -2.32 -12.09
C SER A 136 7.79 -1.32 -11.52
C SER A 136 7.80 -1.32 -11.55
N ASP A 137 7.39 -0.08 -11.35
CA ASP A 137 8.33 0.96 -10.88
C ASP A 137 9.07 0.74 -9.57
N ASP A 138 10.33 1.18 -9.56
CA ASP A 138 11.12 1.24 -8.33
C ASP A 138 10.49 2.45 -7.69
N ILE A 139 10.21 2.40 -6.39
CA ILE A 139 9.62 3.56 -5.74
C ILE A 139 10.68 4.53 -5.22
N ARG A 140 11.94 4.13 -5.36
CA ARG A 140 13.07 4.92 -4.89
C ARG A 140 13.04 6.37 -5.32
N PRO A 141 12.82 6.65 -6.61
CA PRO A 141 12.82 8.05 -7.01
C PRO A 141 11.79 8.89 -6.28
N TYR A 142 10.64 8.30 -6.00
CA TYR A 142 9.57 9.03 -5.32
C TYR A 142 9.91 9.18 -3.84
N VAL A 143 10.60 8.19 -3.28
CA VAL A 143 11.02 8.23 -1.90
C VAL A 143 12.10 9.31 -1.70
N GLU A 144 12.96 9.49 -2.69
CA GLU A 144 14.02 10.48 -2.65
C GLU A 144 13.42 11.87 -2.74
N GLU A 145 12.43 12.06 -3.62
CA GLU A 145 11.79 13.37 -3.71
C GLU A 145 11.11 13.69 -2.40
N PHE A 146 10.41 12.70 -1.84
CA PHE A 146 9.69 12.91 -0.61
C PHE A 146 10.67 13.28 0.52
N THR A 147 11.80 12.59 0.56
CA THR A 147 12.85 12.89 1.53
C THR A 147 13.31 14.35 1.46
N ASN A 148 13.18 14.96 0.29
CA ASN A 148 13.60 16.36 0.10
C ASN A 148 12.45 17.31 0.27
N GLN A 149 11.27 16.77 0.55
CA GLN A 149 10.07 17.56 0.75
C GLN A 149 10.02 17.90 2.23
N LYS A 150 9.97 19.19 2.54
CA LYS A 150 9.98 19.67 3.94
C LYS A 150 8.92 19.01 4.85
N GLU A 151 7.71 18.78 4.35
CA GLU A 151 6.69 18.08 5.15
C GLU A 151 5.50 17.65 4.31
N GLY A 152 4.62 16.88 4.94
CA GLY A 152 3.38 16.46 4.29
C GLY A 152 3.31 15.03 3.81
N ALA A 153 2.81 14.85 2.59
CA ALA A 153 2.62 13.53 2.01
C ALA A 153 2.83 13.55 0.51
N LYS A 154 2.84 12.35 -0.07
CA LYS A 154 2.98 12.19 -1.50
C LYS A 154 2.19 10.97 -1.96
N VAL A 155 1.37 11.16 -3.00
CA VAL A 155 0.60 10.05 -3.57
C VAL A 155 1.16 9.72 -4.96
N LEU A 156 0.96 8.49 -5.39
CA LEU A 156 1.43 8.07 -6.69
C LEU A 156 0.20 7.77 -7.51
N LEU A 157 0.13 8.38 -8.70
CA LEU A 157 -1.01 8.23 -9.59
C LEU A 157 -0.72 7.30 -10.78
N GLN A 158 -1.77 6.63 -11.24
CA GLN A 158 -1.70 5.75 -12.40
C GLN A 158 -2.95 5.95 -13.25
N SER A 159 -2.77 6.22 -14.53
CA SER A 159 -3.91 6.41 -15.41
C SER A 159 -4.55 5.05 -15.71
N VAL A 160 -5.85 4.92 -15.47
CA VAL A 160 -6.53 3.62 -15.62
C VAL A 160 -7.80 3.65 -16.47
N ASP A 161 -8.22 2.44 -16.86
CA ASP A 161 -9.41 2.23 -17.69
C ASP A 161 -10.75 2.40 -16.97
N ASP A 162 -10.84 1.96 -15.71
CA ASP A 162 -12.08 2.05 -14.93
C ASP A 162 -11.81 2.73 -13.59
N PRO A 163 -11.66 4.06 -13.61
CA PRO A 163 -11.39 4.83 -12.40
C PRO A 163 -12.45 4.67 -11.32
N GLU A 164 -13.68 4.36 -11.73
CA GLU A 164 -14.80 4.17 -10.79
C GLU A 164 -14.48 3.24 -9.61
N ARG A 165 -13.50 2.36 -9.78
CA ARG A 165 -13.14 1.39 -8.75
C ARG A 165 -12.13 1.90 -7.73
N PHE A 166 -11.57 3.07 -7.95
CA PHE A 166 -10.51 3.54 -7.08
C PHE A 166 -10.74 4.92 -6.52
N GLY A 167 -9.71 5.43 -5.84
CA GLY A 167 -9.68 6.80 -5.39
C GLY A 167 -9.21 7.53 -6.65
N VAL A 168 -9.85 8.66 -6.98
CA VAL A 168 -9.52 9.39 -8.19
C VAL A 168 -9.01 10.83 -7.99
N ALA A 169 -7.86 11.12 -8.59
CA ALA A 169 -7.27 12.44 -8.50
C ALA A 169 -7.83 13.34 -9.59
N ASN A 170 -8.31 14.50 -9.17
CA ASN A 170 -8.80 15.52 -10.05
C ASN A 170 -7.67 16.52 -10.23
N ILE A 171 -6.97 16.44 -11.37
CA ILE A 171 -5.84 17.31 -11.64
C ILE A 171 -6.18 18.45 -12.57
N GLN A 172 -5.73 19.64 -12.22
CA GLN A 172 -5.91 20.82 -13.04
C GLN A 172 -4.64 21.64 -12.95
N ASN A 173 -4.13 22.04 -14.11
CA ASN A 173 -2.93 22.84 -14.17
C ASN A 173 -1.83 22.25 -13.30
N ARG A 174 -1.64 20.95 -13.43
CA ARG A 174 -0.62 20.21 -12.71
C ARG A 174 -0.80 20.20 -11.20
N LYS A 175 -2.01 20.45 -10.70
CA LYS A 175 -2.25 20.41 -9.25
C LYS A 175 -3.49 19.59 -8.90
N ILE A 176 -3.40 18.83 -7.81
CA ILE A 176 -4.55 18.03 -7.36
C ILE A 176 -5.53 18.92 -6.64
N ILE A 177 -6.70 19.11 -7.24
CA ILE A 177 -7.73 19.93 -6.65
C ILE A 177 -8.59 19.15 -5.68
N GLU A 178 -8.57 17.84 -5.79
CA GLU A 178 -9.48 17.02 -5.02
C GLU A 178 -9.27 15.55 -5.31
N ILE A 179 -9.52 14.72 -4.31
CA ILE A 179 -9.46 13.28 -4.47
C ILE A 179 -10.83 12.77 -4.08
N GLU A 180 -11.35 11.81 -4.84
CA GLU A 180 -12.66 11.26 -4.58
C GLU A 180 -12.60 9.73 -4.59
N GLU A 181 -13.15 9.10 -3.55
CA GLU A 181 -13.15 7.63 -3.43
C GLU A 181 -14.32 7.03 -4.22
N LYS A 182 -14.03 6.06 -5.11
CA LYS A 182 -15.03 5.42 -5.98
C LYS A 182 -16.11 6.31 -6.64
N PRO A 183 -15.68 7.39 -7.30
CA PRO A 183 -16.67 8.32 -7.83
C PRO A 183 -17.55 7.64 -8.87
N LYS A 184 -18.86 7.88 -8.81
CA LYS A 184 -19.77 7.27 -9.77
C LYS A 184 -19.56 7.84 -11.16
N GLU A 185 -19.15 9.11 -11.19
CA GLU A 185 -18.87 9.80 -12.44
C GLU A 185 -17.55 10.54 -12.30
N PRO A 186 -16.45 9.81 -12.52
CA PRO A 186 -15.06 10.23 -12.43
C PRO A 186 -14.74 11.48 -13.20
N LYS A 187 -14.03 12.39 -12.53
CA LYS A 187 -13.63 13.63 -13.15
C LYS A 187 -12.35 13.44 -13.96
N SER A 188 -11.66 12.36 -13.70
N SER A 188 -11.63 12.36 -13.70
CA SER A 188 -10.41 12.04 -14.35
CA SER A 188 -10.42 12.05 -14.44
C SER A 188 -10.24 10.54 -14.43
C SER A 188 -10.26 10.55 -14.46
N SER A 189 -9.13 10.08 -15.00
CA SER A 189 -8.83 8.66 -15.06
C SER A 189 -7.55 8.36 -14.25
N TYR A 190 -7.07 9.35 -13.49
CA TYR A 190 -5.90 9.14 -12.65
C TYR A 190 -6.31 8.49 -11.33
N ALA A 191 -6.06 7.20 -11.20
CA ALA A 191 -6.38 6.49 -9.96
C ALA A 191 -5.26 6.73 -8.98
N VAL A 192 -5.61 6.95 -7.71
CA VAL A 192 -4.63 7.10 -6.65
C VAL A 192 -4.27 5.69 -6.18
N THR A 193 -3.07 5.25 -6.55
CA THR A 193 -2.58 3.89 -6.22
C THR A 193 -2.38 3.73 -4.72
N GLY A 194 -2.31 2.48 -4.27
CA GLY A 194 -2.14 2.16 -2.85
C GLY A 194 -0.70 2.18 -2.35
N ILE A 195 0.00 3.25 -2.68
CA ILE A 195 1.39 3.46 -2.28
C ILE A 195 1.40 4.89 -1.81
N TYR A 196 1.49 5.07 -0.50
CA TYR A 196 1.43 6.39 0.11
C TYR A 196 2.69 6.69 0.90
N LEU A 197 3.17 7.92 0.75
CA LEU A 197 4.31 8.35 1.52
C LEU A 197 3.78 9.40 2.46
N TYR A 198 3.99 9.18 3.76
CA TYR A 198 3.49 10.09 4.79
C TYR A 198 4.53 10.49 5.81
N ASP A 199 4.29 11.65 6.44
CA ASP A 199 5.14 12.10 7.53
C ASP A 199 4.38 11.66 8.79
N SER A 200 4.99 11.83 9.96
CA SER A 200 4.36 11.34 11.20
C SER A 200 3.08 12.08 11.62
N LYS A 201 2.77 13.20 10.99
CA LYS A 201 1.59 13.96 11.37
C LYS A 201 0.28 13.24 11.04
N VAL A 202 0.35 12.22 10.19
CA VAL A 202 -0.85 11.49 9.80
C VAL A 202 -1.50 10.85 11.03
N PHE A 203 -0.69 10.42 11.97
CA PHE A 203 -1.23 9.78 13.17
C PHE A 203 -2.01 10.77 14.02
N SER A 204 -1.59 12.02 14.02
CA SER A 204 -2.29 13.06 14.81
C SER A 204 -3.70 13.26 14.29
N TYR A 205 -3.82 13.33 12.98
CA TYR A 205 -5.12 13.50 12.35
C TYR A 205 -6.06 12.38 12.81
N ILE A 206 -5.63 11.13 12.60
CA ILE A 206 -6.40 9.94 12.98
C ILE A 206 -6.64 9.93 14.48
N LYS A 207 -5.53 9.97 15.22
CA LYS A 207 -5.49 9.96 16.68
C LYS A 207 -6.45 10.97 17.26
N GLU A 208 -6.33 12.21 16.80
CA GLU A 208 -7.17 13.30 17.31
C GLU A 208 -8.45 13.47 16.50
N LEU A 209 -8.96 12.40 15.89
CA LEU A 209 -10.18 12.50 15.10
C LEU A 209 -11.33 13.02 16.03
N LYS A 210 -12.25 12.22 16.60
CA LYS A 210 -12.45 10.77 16.50
C LYS A 210 -13.99 10.72 16.60
N PRO A 211 -14.60 9.68 17.22
CA PRO A 211 -14.15 8.41 17.82
C PRO A 211 -14.55 7.27 16.88
N SER A 212 -15.84 7.08 16.69
CA SER A 212 -16.34 6.10 15.74
C SER A 212 -16.22 6.70 14.33
N ALA A 213 -15.90 8.00 14.27
CA ALA A 213 -15.68 8.69 13.01
C ALA A 213 -14.44 8.10 12.36
N ARG A 214 -13.56 7.52 13.19
CA ARG A 214 -12.34 6.85 12.71
C ARG A 214 -12.66 5.50 12.03
N GLY A 215 -13.79 4.89 12.38
CA GLY A 215 -14.21 3.64 11.76
C GLY A 215 -14.70 3.91 10.35
N GLU A 216 -15.34 5.07 10.17
CA GLU A 216 -15.88 5.51 8.88
C GLU A 216 -14.80 6.09 7.96
N LEU A 217 -13.64 6.43 8.55
CA LEU A 217 -12.52 7.05 7.82
C LEU A 217 -11.93 6.20 6.69
N GLU A 218 -11.56 6.86 5.61
CA GLU A 218 -10.95 6.21 4.47
C GLU A 218 -9.65 6.90 4.15
N ILE A 219 -8.76 6.17 3.48
CA ILE A 219 -7.44 6.72 3.14
C ILE A 219 -7.58 8.03 2.36
N THR A 220 -8.61 8.12 1.52
CA THR A 220 -8.83 9.33 0.75
C THR A 220 -8.97 10.58 1.67
N ASP A 221 -9.67 10.42 2.78
CA ASP A 221 -9.85 11.52 3.73
C ASP A 221 -8.50 12.00 4.22
N ILE A 222 -7.62 11.06 4.56
CA ILE A 222 -6.29 11.44 5.01
C ILE A 222 -5.58 12.23 3.92
N ASN A 223 -5.65 11.72 2.69
CA ASN A 223 -4.98 12.37 1.57
C ASN A 223 -5.53 13.77 1.32
N ASN A 224 -6.85 13.92 1.43
CA ASN A 224 -7.49 15.23 1.25
C ASN A 224 -7.10 16.21 2.39
N TRP A 225 -6.83 15.64 3.57
CA TRP A 225 -6.42 16.44 4.71
C TRP A 225 -5.07 17.08 4.41
N TYR A 226 -4.14 16.29 3.90
CA TYR A 226 -2.83 16.82 3.51
C TYR A 226 -3.02 17.85 2.39
N LEU A 227 -3.87 17.49 1.43
CA LEU A 227 -4.17 18.37 0.29
C LEU A 227 -4.64 19.74 0.77
N LYS A 228 -5.71 19.78 1.57
CA LYS A 228 -6.24 21.04 2.11
C LYS A 228 -5.17 21.83 2.83
N ARG A 229 -4.30 21.16 3.58
CA ARG A 229 -3.22 21.83 4.28
C ARG A 229 -2.15 22.29 3.29
N GLY A 230 -2.32 21.95 2.01
CA GLY A 230 -1.39 22.36 0.98
C GLY A 230 -0.01 21.75 1.07
N VAL A 231 0.06 20.48 1.47
CA VAL A 231 1.35 19.80 1.59
C VAL A 231 1.37 18.43 0.92
N LEU A 232 0.40 18.16 0.04
CA LEU A 232 0.35 16.91 -0.70
C LEU A 232 1.06 17.11 -2.03
N THR A 233 1.86 16.15 -2.45
CA THR A 233 2.53 16.22 -3.74
C THR A 233 2.14 14.94 -4.46
N TYR A 234 2.49 14.84 -5.73
CA TYR A 234 2.16 13.64 -6.49
C TYR A 234 3.11 13.41 -7.63
N ASN A 235 3.10 12.17 -8.12
CA ASN A 235 3.90 11.78 -9.25
C ASN A 235 3.10 10.77 -10.04
N GLU A 236 3.22 10.80 -11.36
CA GLU A 236 2.54 9.81 -12.16
C GLU A 236 3.53 8.69 -12.35
N MET A 237 3.10 7.47 -12.09
CA MET A 237 3.97 6.30 -12.25
C MET A 237 4.26 6.01 -13.72
N SER A 238 5.40 5.38 -13.96
CA SER A 238 5.87 5.08 -15.31
C SER A 238 5.38 3.76 -15.89
N GLY A 239 5.63 2.67 -15.18
CA GLY A 239 5.30 1.36 -15.68
C GLY A 239 3.86 0.96 -15.47
N TRP A 240 3.63 -0.34 -15.30
CA TRP A 240 2.29 -0.82 -15.06
C TRP A 240 1.99 -0.95 -13.57
N TRP A 241 0.69 -1.03 -13.29
CA TRP A 241 0.20 -1.17 -11.93
C TRP A 241 -1.15 -1.83 -11.97
N THR A 242 -1.45 -2.61 -10.95
CA THR A 242 -2.72 -3.28 -10.88
C THR A 242 -2.95 -3.73 -9.46
N ASP A 243 -4.22 -3.75 -9.05
CA ASP A 243 -4.59 -4.32 -7.77
C ASP A 243 -4.71 -5.82 -8.05
N ALA A 244 -4.75 -6.63 -7.00
CA ALA A 244 -4.88 -8.08 -7.16
C ALA A 244 -6.04 -8.56 -6.28
N GLY A 245 -7.10 -7.76 -6.19
CA GLY A 245 -8.24 -8.07 -5.32
C GLY A 245 -9.48 -8.73 -5.90
N THR A 246 -9.46 -9.07 -7.20
CA THR A 246 -10.58 -9.76 -7.84
C THR A 246 -10.00 -10.88 -8.66
N HIS A 247 -10.79 -11.84 -9.08
CA HIS A 247 -10.26 -12.93 -9.89
C HIS A 247 -9.61 -12.39 -11.17
N VAL A 248 -10.32 -11.53 -11.89
CA VAL A 248 -9.78 -10.92 -13.10
C VAL A 248 -8.45 -10.20 -12.85
N SER A 249 -8.44 -9.29 -11.87
CA SER A 249 -7.23 -8.52 -11.57
C SER A 249 -6.10 -9.38 -10.99
N LEU A 250 -6.45 -10.46 -10.30
CA LEU A 250 -5.44 -11.37 -9.76
C LEU A 250 -4.76 -12.07 -10.92
N GLN A 251 -5.54 -12.44 -11.93
CA GLN A 251 -4.99 -13.11 -13.11
C GLN A 251 -4.11 -12.19 -13.88
N ARG A 252 -4.57 -10.97 -14.08
CA ARG A 252 -3.81 -9.96 -14.79
C ARG A 252 -2.48 -9.75 -14.09
N ALA A 253 -2.54 -9.58 -12.77
CA ALA A 253 -1.33 -9.40 -12.00
C ALA A 253 -0.38 -10.56 -12.30
N ASN A 254 -0.89 -11.78 -12.37
CA ASN A 254 -0.03 -12.92 -12.68
C ASN A 254 0.58 -12.90 -14.06
N ALA A 255 -0.19 -12.45 -15.04
CA ALA A 255 0.32 -12.33 -16.40
C ALA A 255 1.48 -11.35 -16.37
N LEU A 256 1.21 -10.13 -15.89
CA LEU A 256 2.22 -9.07 -15.82
C LEU A 256 3.46 -9.43 -15.04
N ALA A 257 3.32 -10.23 -13.99
CA ALA A 257 4.44 -10.62 -13.14
C ALA A 257 5.21 -11.88 -13.59
N ARG A 258 4.75 -12.55 -14.64
CA ARG A 258 5.43 -13.78 -15.09
C ARG A 258 6.96 -13.78 -14.95
N ASP A 259 7.63 -12.81 -15.56
CA ASP A 259 9.11 -12.80 -15.60
C ASP A 259 9.84 -12.12 -14.45
N ILE A 260 9.12 -11.62 -13.46
CA ILE A 260 9.76 -10.94 -12.32
C ILE A 260 10.62 -11.92 -11.53
N ASN A 261 11.89 -11.57 -11.32
CA ASN A 261 12.82 -12.41 -10.56
C ASN A 261 13.47 -11.56 -9.47
N PHE A 262 13.35 -12.00 -8.22
CA PHE A 262 13.89 -11.27 -7.08
C PHE A 262 15.24 -11.78 -6.58
N GLY A 263 15.79 -12.82 -7.20
CA GLY A 263 17.10 -13.32 -6.78
C GLY A 263 17.06 -14.43 -5.74
N LYS A 264 18.20 -15.09 -5.56
CA LYS A 264 18.31 -16.25 -4.66
C LYS A 264 17.82 -15.98 -3.24
N GLN A 265 17.81 -14.72 -2.85
CA GLN A 265 17.39 -14.36 -1.52
C GLN A 265 15.89 -14.58 -1.32
N PHE A 266 15.11 -14.35 -2.37
CA PHE A 266 13.66 -14.54 -2.34
C PHE A 266 13.23 -15.86 -3.00
N ASN A 267 14.15 -16.51 -3.70
CA ASN A 267 13.87 -17.79 -4.35
C ASN A 267 14.16 -18.96 -3.41
N GLY A 268 14.94 -18.69 -2.35
CA GLY A 268 15.31 -19.69 -1.36
C GLY A 268 16.21 -20.80 -1.89
N GLU A 269 16.65 -21.69 -0.99
CA GLU A 269 16.32 -21.63 0.45
C GLU A 269 17.48 -22.19 1.30
#